data_6NEC
#
_entry.id   6NEC
#
_cell.length_a   50.587
_cell.length_b   80.295
_cell.length_c   79.926
_cell.angle_alpha   90.00
_cell.angle_beta   100.52
_cell.angle_gamma   90.00
#
_symmetry.space_group_name_H-M   'P 1 21 1'
#
loop_
_entity.id
_entity.type
_entity.pdbx_description
1 polymer 'Proto-oncogene tyrosine-protein kinase receptor Ret'
2 non-polymer 'methyl (3Z)-3-{[(4-{methyl[(4-methylpiperazin-1-yl)acetyl]amino}phenyl)amino](phenyl)methylidene}-2-oxo-2,3-dihydro-1H-indole-6-carboxylate'
3 non-polymer 'FORMIC ACID'
4 water water
#
_entity_poly.entity_id   1
_entity_poly.type   'polypeptide(L)'
_entity_poly.pdbx_seq_one_letter_code
;GPLSLSVDAFKILEDPKWEFPRKNLVLGKTLGEGEFGKVVKATAFHLKGRAGYTTVAVKMLKENASPSELRDLLSEFNVL
KQVNHPHVIKLYGACSQDGPLLLIVEYAKYGSLRGFLRESRKVGPGYLGSGGSRNSSSLDHPDERALTMGDLISFAWQIS
QGMQYLAEMKLVHRDLAARNILVAEGRKMKISDFGLSRDVYEEDSYVKRSQGRIPVKWMAIESLFDHIYTTQSDVWSFGV
LLWEIVTLGGNPYPGIPPERLFNLLKTGHRMERPDNCSEEMYRLMLQCWKQEPDKRPVFADISKDLEKMMVKRR
;
_entity_poly.pdbx_strand_id   A,C
#
# COMPACT_ATOMS: atom_id res chain seq x y z
N GLU A 14 11.05 -0.42 23.33
CA GLU A 14 11.56 0.04 24.66
C GLU A 14 12.87 -0.67 25.06
N ASP A 15 13.66 -1.04 24.06
CA ASP A 15 14.88 -1.80 24.28
C ASP A 15 16.09 -0.89 24.56
N PRO A 16 16.62 -0.93 25.79
CA PRO A 16 17.79 -0.12 26.17
C PRO A 16 18.95 -0.19 25.17
N LYS A 17 19.21 -1.37 24.60
CA LYS A 17 20.33 -1.55 23.68
C LYS A 17 20.16 -0.79 22.35
N TRP A 18 18.95 -0.30 22.10
CA TRP A 18 18.61 0.30 20.81
C TRP A 18 18.02 1.69 20.93
N GLU A 19 17.35 1.95 22.05
CA GLU A 19 16.69 3.23 22.25
C GLU A 19 17.74 4.36 22.22
N PHE A 20 17.41 5.44 21.51
CA PHE A 20 18.32 6.57 21.27
C PHE A 20 17.62 7.85 21.71
N PRO A 21 18.38 8.82 22.32
CA PRO A 21 17.75 10.04 22.83
C PRO A 21 17.16 10.90 21.71
N ARG A 22 15.86 11.17 21.80
CA ARG A 22 15.16 11.91 20.77
C ARG A 22 15.78 13.29 20.51
N LYS A 23 16.29 13.93 21.57
CA LYS A 23 16.91 15.25 21.42
C LYS A 23 18.19 15.20 20.62
N ASN A 24 18.79 14.02 20.48
CA ASN A 24 20.01 13.85 19.75
C ASN A 24 19.83 13.58 18.27
N LEU A 25 18.57 13.58 17.81
CA LEU A 25 18.26 13.25 16.43
C LEU A 25 17.61 14.47 15.74
N VAL A 26 18.13 14.85 14.58
CA VAL A 26 17.58 15.97 13.84
C VAL A 26 17.16 15.51 12.46
N LEU A 27 15.89 15.70 12.14
CA LEU A 27 15.33 15.24 10.88
C LEU A 27 15.44 16.28 9.78
N GLY A 28 15.68 15.82 8.55
CA GLY A 28 15.78 16.70 7.37
C GLY A 28 14.85 16.26 6.25
N LYS A 29 15.35 16.29 5.00
CA LYS A 29 14.50 16.13 3.80
C LYS A 29 13.97 14.70 3.60
N THR A 30 12.83 14.58 2.95
CA THR A 30 12.31 13.25 2.62
C THR A 30 13.16 12.66 1.51
N LEU A 31 13.61 11.42 1.73
CA LEU A 31 14.39 10.70 0.72
C LEU A 31 13.49 9.87 -0.20
N GLY A 32 12.36 9.43 0.33
CA GLY A 32 11.36 8.71 -0.47
C GLY A 32 10.37 8.05 0.45
N GLU A 33 9.52 7.20 -0.12
N GLU A 33 9.50 7.22 -0.14
CA GLU A 33 8.57 6.46 0.70
CA GLU A 33 8.55 6.42 0.60
C GLU A 33 8.74 4.95 0.59
C GLU A 33 9.01 4.97 0.64
N GLY A 34 8.70 4.29 1.75
CA GLY A 34 8.88 2.85 1.85
C GLY A 34 7.50 2.21 2.00
N GLU A 35 7.48 0.89 2.12
CA GLU A 35 6.23 0.11 2.08
C GLU A 35 5.27 0.42 3.24
N PHE A 36 5.80 0.89 4.37
CA PHE A 36 4.94 1.25 5.52
C PHE A 36 5.02 2.74 5.89
N GLY A 37 5.89 3.48 5.20
CA GLY A 37 6.02 4.90 5.49
C GLY A 37 7.04 5.70 4.70
N LYS A 38 7.54 6.73 5.36
CA LYS A 38 8.38 7.75 4.77
C LYS A 38 9.77 7.48 5.25
N VAL A 39 10.76 7.80 4.41
CA VAL A 39 12.15 7.72 4.85
C VAL A 39 12.74 9.12 4.69
N VAL A 40 13.36 9.64 5.74
CA VAL A 40 13.96 10.99 5.69
C VAL A 40 15.45 10.94 6.00
N LYS A 41 16.20 11.91 5.45
CA LYS A 41 17.59 12.02 5.81
C LYS A 41 17.65 12.66 7.18
N ALA A 42 18.69 12.34 7.94
CA ALA A 42 18.76 12.84 9.30
C ALA A 42 20.19 12.88 9.79
N THR A 43 20.35 13.38 11.00
CA THR A 43 21.65 13.41 11.62
C THR A 43 21.49 13.06 13.09
N ALA A 44 22.44 12.27 13.60
CA ALA A 44 22.34 11.78 14.99
C ALA A 44 23.61 12.09 15.76
N PHE A 45 23.43 12.74 16.90
CA PHE A 45 24.57 13.18 17.75
C PHE A 45 24.96 12.09 18.72
N HIS A 46 26.25 11.74 18.71
N HIS A 46 26.25 11.72 18.71
CA HIS A 46 26.81 10.68 19.56
CA HIS A 46 26.81 10.67 19.59
C HIS A 46 26.05 9.35 19.39
C HIS A 46 26.15 9.29 19.40
N LEU A 47 25.94 8.92 18.15
CA LEU A 47 25.29 7.67 17.80
C LEU A 47 26.24 6.51 18.06
N LYS A 48 25.83 5.60 18.94
CA LYS A 48 26.65 4.46 19.35
C LYS A 48 28.07 4.92 19.70
N GLY A 49 28.16 6.00 20.45
CA GLY A 49 29.45 6.54 20.90
C GLY A 49 30.42 7.03 19.84
N ARG A 50 29.94 7.30 18.62
CA ARG A 50 30.74 8.00 17.62
C ARG A 50 30.66 9.49 17.96
N ALA A 51 31.79 10.15 18.16
CA ALA A 51 31.79 11.56 18.54
C ALA A 51 31.14 12.45 17.47
N GLY A 52 30.41 13.47 17.89
CA GLY A 52 29.79 14.41 16.95
C GLY A 52 28.56 13.86 16.28
N TYR A 53 28.23 14.42 15.11
CA TYR A 53 27.03 14.01 14.36
C TYR A 53 27.36 12.98 13.30
N THR A 54 26.41 12.06 13.04
CA THR A 54 26.58 11.04 12.02
C THR A 54 25.36 11.16 11.10
N THR A 55 25.56 11.22 9.79
CA THR A 55 24.42 11.31 8.87
C THR A 55 23.78 9.93 8.81
N VAL A 56 22.46 9.89 8.95
CA VAL A 56 21.68 8.63 8.96
C VAL A 56 20.43 8.82 8.11
N ALA A 57 19.63 7.77 8.00
CA ALA A 57 18.26 7.90 7.50
C ALA A 57 17.30 7.51 8.63
N VAL A 58 16.07 7.99 8.56
CA VAL A 58 15.06 7.68 9.57
C VAL A 58 13.80 7.17 8.89
N LYS A 59 13.30 6.03 9.34
CA LYS A 59 12.06 5.48 8.83
C LYS A 59 10.95 5.81 9.82
N MET A 60 9.86 6.38 9.30
CA MET A 60 8.73 6.70 10.14
C MET A 60 7.43 6.22 9.50
N LEU A 61 6.34 6.34 10.25
CA LEU A 61 4.97 6.05 9.77
C LEU A 61 4.28 7.31 9.27
N LYS A 62 3.39 7.16 8.30
CA LYS A 62 2.56 8.30 7.87
C LYS A 62 1.43 8.51 8.89
N GLU A 63 0.86 9.72 8.93
CA GLU A 63 -0.18 10.05 9.92
C GLU A 63 -1.39 9.13 9.77
N ASN A 64 -1.69 8.78 8.52
CA ASN A 64 -2.82 7.92 8.22
C ASN A 64 -2.44 6.44 8.18
N ALA A 65 -1.43 6.05 8.97
CA ALA A 65 -0.97 4.66 9.01
C ALA A 65 -2.04 3.68 9.49
N SER A 66 -2.00 2.50 8.90
CA SER A 66 -2.87 1.37 9.26
C SER A 66 -2.12 0.48 10.25
N PRO A 67 -2.83 -0.45 10.94
CA PRO A 67 -2.17 -1.39 11.84
C PRO A 67 -1.14 -2.30 11.17
N SER A 68 -1.42 -2.73 9.93
N SER A 68 -1.41 -2.73 9.94
CA SER A 68 -0.46 -3.48 9.13
CA SER A 68 -0.41 -3.51 9.19
C SER A 68 0.87 -2.71 9.02
C SER A 68 0.89 -2.72 8.97
N GLU A 69 0.78 -1.41 8.72
CA GLU A 69 1.96 -0.56 8.51
C GLU A 69 2.76 -0.33 9.80
N LEU A 70 2.06 -0.18 10.92
CA LEU A 70 2.71 -0.19 12.22
C LEU A 70 3.35 -1.55 12.53
N ARG A 71 2.64 -2.64 12.25
CA ARG A 71 3.21 -3.97 12.47
C ARG A 71 4.44 -4.23 11.59
N ASP A 72 4.41 -3.75 10.36
CA ASP A 72 5.56 -3.89 9.46
C ASP A 72 6.79 -3.10 9.98
N LEU A 73 6.57 -1.91 10.53
CA LEU A 73 7.65 -1.13 11.13
C LEU A 73 8.25 -1.89 12.31
N LEU A 74 7.39 -2.39 13.20
CA LEU A 74 7.85 -3.18 14.33
C LEU A 74 8.58 -4.46 13.92
N SER A 75 8.11 -5.11 12.85
N SER A 75 8.06 -5.12 12.88
CA SER A 75 8.75 -6.33 12.38
CA SER A 75 8.68 -6.29 12.27
C SER A 75 10.11 -6.08 11.70
C SER A 75 10.10 -6.01 11.81
N GLU A 76 10.27 -4.93 11.06
CA GLU A 76 11.56 -4.58 10.49
C GLU A 76 12.54 -4.33 11.64
N PHE A 77 12.08 -3.59 12.64
CA PHE A 77 12.89 -3.33 13.84
C PHE A 77 13.34 -4.64 14.48
N ASN A 78 12.40 -5.54 14.72
CA ASN A 78 12.68 -6.85 15.31
C ASN A 78 13.69 -7.69 14.52
N VAL A 79 13.55 -7.73 13.20
CA VAL A 79 14.49 -8.46 12.34
C VAL A 79 15.89 -7.83 12.36
N LEU A 80 15.94 -6.51 12.18
CA LEU A 80 17.23 -5.83 12.01
C LEU A 80 18.02 -5.71 13.29
N LYS A 81 17.38 -5.86 14.45
CA LYS A 81 18.10 -5.99 15.72
C LYS A 81 18.97 -7.24 15.76
N GLN A 82 18.56 -8.28 15.03
N GLN A 82 18.56 -8.28 15.03
CA GLN A 82 19.19 -9.60 15.11
CA GLN A 82 19.21 -9.59 15.15
C GLN A 82 20.29 -9.83 14.09
C GLN A 82 20.04 -10.03 13.95
N VAL A 83 20.17 -9.17 12.94
CA VAL A 83 21.05 -9.45 11.78
C VAL A 83 22.14 -8.41 11.57
N ASN A 84 23.29 -8.87 11.07
N ASN A 84 23.31 -8.88 11.14
CA ASN A 84 24.46 -8.01 10.86
CA ASN A 84 24.40 -7.99 10.80
C ASN A 84 25.34 -8.52 9.71
C ASN A 84 25.18 -8.60 9.65
N HIS A 85 25.31 -7.83 8.57
CA HIS A 85 26.04 -8.28 7.39
C HIS A 85 26.44 -7.06 6.55
N PRO A 86 27.60 -7.11 5.87
CA PRO A 86 28.08 -6.01 5.02
C PRO A 86 27.14 -5.65 3.87
N HIS A 87 26.24 -6.56 3.50
CA HIS A 87 25.30 -6.28 2.43
C HIS A 87 23.83 -6.24 2.87
N VAL A 88 23.64 -6.00 4.16
CA VAL A 88 22.32 -5.72 4.72
C VAL A 88 22.37 -4.36 5.38
N ILE A 89 21.41 -3.50 5.04
CA ILE A 89 21.35 -2.16 5.64
C ILE A 89 21.29 -2.24 7.17
N LYS A 90 22.00 -1.34 7.86
CA LYS A 90 22.09 -1.42 9.32
C LYS A 90 21.02 -0.66 10.08
N LEU A 91 20.58 -1.24 11.19
CA LEU A 91 19.75 -0.52 12.14
C LEU A 91 20.71 0.04 13.19
N TYR A 92 20.54 1.32 13.54
CA TYR A 92 21.37 1.96 14.57
C TYR A 92 20.62 2.17 15.87
N GLY A 93 19.32 2.41 15.79
CA GLY A 93 18.52 2.69 16.96
C GLY A 93 17.07 3.04 16.68
N ALA A 94 16.36 3.43 17.73
CA ALA A 94 14.96 3.81 17.61
C ALA A 94 14.61 4.83 18.66
N CYS A 95 13.64 5.69 18.34
CA CYS A 95 13.03 6.61 19.30
C CYS A 95 11.56 6.23 19.39
N SER A 96 11.16 5.73 20.56
CA SER A 96 9.79 5.23 20.76
C SER A 96 9.01 5.96 21.83
N GLN A 97 9.70 6.79 22.63
CA GLN A 97 9.12 7.35 23.84
C GLN A 97 8.44 8.73 23.69
N ASP A 98 9.18 9.73 23.21
CA ASP A 98 8.71 11.12 23.29
C ASP A 98 8.01 11.62 22.02
N GLY A 99 7.20 10.75 21.40
CA GLY A 99 6.46 11.13 20.19
C GLY A 99 6.32 10.00 19.19
N PRO A 100 6.39 10.30 17.88
CA PRO A 100 6.22 9.28 16.85
C PRO A 100 7.37 8.29 16.84
N LEU A 101 7.05 7.03 16.56
CA LEU A 101 8.02 5.95 16.45
C LEU A 101 9.00 6.20 15.28
N LEU A 102 10.30 6.18 15.57
CA LEU A 102 11.32 6.45 14.54
C LEU A 102 12.34 5.31 14.53
N LEU A 103 12.66 4.78 13.36
CA LEU A 103 13.76 3.83 13.24
C LEU A 103 14.95 4.58 12.67
N ILE A 104 16.10 4.50 13.35
CA ILE A 104 17.33 5.14 12.86
C ILE A 104 18.20 4.13 12.11
N VAL A 105 18.36 4.34 10.82
CA VAL A 105 19.03 3.36 9.95
C VAL A 105 20.18 3.97 9.14
N GLU A 106 21.01 3.08 8.58
CA GLU A 106 22.15 3.47 7.76
C GLU A 106 21.75 4.29 6.54
N TYR A 107 22.46 5.39 6.29
CA TYR A 107 22.27 6.20 5.08
C TYR A 107 23.04 5.59 3.89
N ALA A 108 22.38 5.49 2.73
CA ALA A 108 22.99 4.95 1.52
C ALA A 108 22.99 6.05 0.47
N LYS A 109 24.16 6.66 0.23
CA LYS A 109 24.20 7.93 -0.49
C LYS A 109 23.64 7.93 -1.92
N TYR A 110 23.68 6.78 -2.59
CA TYR A 110 23.20 6.69 -3.99
C TYR A 110 21.72 6.32 -4.15
N GLY A 111 21.03 6.09 -3.04
CA GLY A 111 19.60 5.75 -3.07
C GLY A 111 19.39 4.30 -3.47
N SER A 112 18.22 4.01 -4.03
CA SER A 112 17.90 2.63 -4.36
C SER A 112 18.69 2.17 -5.59
N LEU A 113 18.93 0.86 -5.68
CA LEU A 113 19.58 0.27 -6.85
C LEU A 113 18.78 0.59 -8.13
N ARG A 114 17.45 0.54 -8.03
CA ARG A 114 16.62 0.86 -9.20
C ARG A 114 16.91 2.29 -9.66
N GLY A 115 16.89 3.22 -8.70
CA GLY A 115 17.19 4.64 -8.97
C GLY A 115 18.57 4.85 -9.58
N PHE A 116 19.57 4.25 -8.94
CA PHE A 116 20.97 4.36 -9.34
C PHE A 116 21.20 3.85 -10.77
N LEU A 117 20.58 2.73 -11.12
CA LEU A 117 20.78 2.15 -12.45
C LEU A 117 20.05 2.95 -13.53
N ARG A 118 18.84 3.44 -13.21
CA ARG A 118 18.12 4.32 -14.13
C ARG A 118 18.90 5.62 -14.37
N GLU A 119 19.52 6.17 -13.33
CA GLU A 119 20.35 7.37 -13.51
C GLU A 119 21.53 7.12 -14.43
N SER A 120 22.13 5.92 -14.35
CA SER A 120 23.27 5.55 -15.20
C SER A 120 22.97 5.49 -16.71
N ARG A 121 21.69 5.43 -17.07
CA ARG A 121 21.28 5.56 -18.49
C ARG A 121 21.58 6.95 -19.05
N LYS A 122 21.50 7.97 -18.21
CA LYS A 122 21.60 9.35 -18.66
C LYS A 122 22.79 10.15 -18.12
N VAL A 123 23.39 9.66 -17.04
CA VAL A 123 24.38 10.41 -16.25
C VAL A 123 25.77 9.75 -16.23
N GLY A 124 26.79 10.59 -16.05
CA GLY A 124 28.17 10.09 -15.82
C GLY A 124 28.62 9.41 -17.08
N PRO A 125 29.70 8.62 -17.02
CA PRO A 125 30.08 7.87 -18.21
C PRO A 125 29.01 6.85 -18.61
N GLY A 126 28.13 6.51 -17.68
CA GLY A 126 27.01 5.59 -17.95
C GLY A 126 27.48 4.16 -18.11
N TYR A 127 26.65 3.34 -18.77
CA TYR A 127 26.95 1.92 -18.93
C TYR A 127 27.85 1.65 -20.13
N LEU A 128 28.99 1.00 -19.89
CA LEU A 128 30.00 0.78 -20.91
C LEU A 128 30.00 -0.64 -21.47
N GLY A 129 29.83 -1.63 -20.59
CA GLY A 129 29.76 -3.04 -21.00
C GLY A 129 30.77 -3.90 -20.28
N ASP A 143 35.60 5.73 -10.34
CA ASP A 143 34.47 6.46 -10.95
C ASP A 143 33.16 5.70 -10.71
N GLU A 144 32.43 6.11 -9.67
CA GLU A 144 31.18 5.44 -9.27
C GLU A 144 30.08 5.50 -10.34
N ARG A 145 30.18 6.45 -11.26
CA ARG A 145 29.19 6.59 -12.33
C ARG A 145 29.51 5.77 -13.60
N ALA A 146 30.70 5.17 -13.65
CA ALA A 146 31.07 4.29 -14.76
C ALA A 146 30.63 2.86 -14.44
N LEU A 147 29.83 2.26 -15.32
CA LEU A 147 29.33 0.89 -15.10
C LEU A 147 29.73 -0.03 -16.24
N THR A 148 30.21 -1.21 -15.88
CA THR A 148 30.52 -2.26 -16.83
C THR A 148 29.68 -3.49 -16.47
N MET A 149 29.71 -4.53 -17.31
N MET A 149 29.72 -4.52 -17.28
CA MET A 149 28.97 -5.76 -16.99
CA MET A 149 29.03 -5.75 -17.01
C MET A 149 29.58 -6.47 -15.78
C MET A 149 29.59 -6.40 -15.78
N GLY A 150 30.89 -6.32 -15.60
CA GLY A 150 31.56 -6.75 -14.38
C GLY A 150 31.01 -6.12 -13.12
N ASP A 151 30.77 -4.80 -13.16
CA ASP A 151 30.13 -4.11 -12.04
C ASP A 151 28.75 -4.67 -11.71
N LEU A 152 27.98 -4.95 -12.76
CA LEU A 152 26.63 -5.55 -12.62
C LEU A 152 26.65 -6.94 -12.01
N ILE A 153 27.59 -7.78 -12.43
CA ILE A 153 27.75 -9.12 -11.82
C ILE A 153 28.15 -8.98 -10.35
N SER A 154 29.05 -8.03 -10.08
CA SER A 154 29.46 -7.73 -8.71
C SER A 154 28.26 -7.32 -7.82
N PHE A 155 27.40 -6.45 -8.34
CA PHE A 155 26.24 -5.98 -7.59
C PHE A 155 25.36 -7.18 -7.23
N ALA A 156 25.07 -8.01 -8.22
CA ALA A 156 24.27 -9.21 -8.01
C ALA A 156 24.93 -10.18 -7.01
N TRP A 157 26.25 -10.34 -7.09
CA TRP A 157 27.00 -11.20 -6.17
C TRP A 157 26.89 -10.72 -4.72
N GLN A 158 27.06 -9.41 -4.52
CA GLN A 158 26.93 -8.81 -3.18
C GLN A 158 25.53 -9.09 -2.59
N ILE A 159 24.50 -8.89 -3.41
CA ILE A 159 23.12 -9.17 -2.99
C ILE A 159 22.93 -10.65 -2.63
N SER A 160 23.40 -11.54 -3.50
CA SER A 160 23.34 -12.98 -3.24
C SER A 160 24.01 -13.36 -1.91
N GLN A 161 25.13 -12.71 -1.57
CA GLN A 161 25.84 -12.99 -0.32
C GLN A 161 24.99 -12.58 0.88
N GLY A 162 24.37 -11.41 0.80
CA GLY A 162 23.44 -10.96 1.84
C GLY A 162 22.28 -11.94 2.02
N MET A 163 21.69 -12.37 0.91
CA MET A 163 20.55 -13.29 0.93
C MET A 163 20.93 -14.67 1.42
N GLN A 164 22.15 -15.10 1.09
CA GLN A 164 22.65 -16.37 1.60
C GLN A 164 22.67 -16.33 3.15
N TYR A 165 23.17 -15.22 3.71
CA TYR A 165 23.19 -15.01 5.17
C TYR A 165 21.77 -14.95 5.79
N LEU A 166 20.89 -14.13 5.19
CA LEU A 166 19.51 -14.06 5.66
C LEU A 166 18.83 -15.45 5.60
N ALA A 167 19.10 -16.22 4.56
CA ALA A 167 18.54 -17.59 4.44
C ALA A 167 19.08 -18.50 5.56
N GLU A 168 20.38 -18.39 5.85
CA GLU A 168 20.99 -19.05 7.03
C GLU A 168 20.29 -18.66 8.34
N MET A 169 19.86 -17.41 8.43
N MET A 169 19.86 -17.40 8.44
CA MET A 169 19.19 -16.91 9.63
CA MET A 169 19.18 -16.89 9.63
C MET A 169 17.69 -17.25 9.67
C MET A 169 17.71 -17.28 9.70
N LYS A 170 17.25 -18.12 8.76
CA LYS A 170 15.85 -18.54 8.63
C LYS A 170 14.88 -17.35 8.48
N LEU A 171 15.28 -16.40 7.66
CA LEU A 171 14.40 -15.30 7.32
C LEU A 171 14.06 -15.41 5.86
N VAL A 172 12.84 -14.99 5.52
N VAL A 172 12.81 -15.08 5.52
CA VAL A 172 12.46 -14.86 4.12
CA VAL A 172 12.47 -14.83 4.12
C VAL A 172 12.11 -13.40 3.90
C VAL A 172 12.24 -13.34 4.02
N HIS A 173 12.85 -12.73 3.01
CA HIS A 173 12.68 -11.28 2.79
C HIS A 173 11.30 -10.97 2.21
N ARG A 174 10.91 -11.79 1.23
CA ARG A 174 9.61 -11.69 0.52
C ARG A 174 9.50 -10.53 -0.51
N ASP A 175 10.28 -9.47 -0.34
CA ASP A 175 10.08 -8.28 -1.18
C ASP A 175 11.37 -7.89 -1.89
N LEU A 176 12.14 -8.89 -2.33
CA LEU A 176 13.39 -8.65 -3.03
C LEU A 176 13.13 -8.02 -4.41
N ALA A 177 13.74 -6.86 -4.65
CA ALA A 177 13.46 -6.05 -5.84
C ALA A 177 14.46 -4.90 -5.88
N ALA A 178 14.70 -4.35 -7.07
CA ALA A 178 15.76 -3.32 -7.20
C ALA A 178 15.44 -2.06 -6.38
N ARG A 179 14.14 -1.79 -6.22
CA ARG A 179 13.69 -0.67 -5.40
C ARG A 179 14.02 -0.88 -3.90
N ASN A 180 14.27 -2.14 -3.50
CA ASN A 180 14.56 -2.53 -2.10
C ASN A 180 16.02 -2.93 -1.86
N ILE A 181 16.89 -2.60 -2.81
CA ILE A 181 18.32 -2.67 -2.58
C ILE A 181 18.80 -1.22 -2.59
N LEU A 182 19.74 -0.91 -1.71
CA LEU A 182 20.34 0.42 -1.64
C LEU A 182 21.77 0.36 -2.09
N VAL A 183 22.27 1.51 -2.57
CA VAL A 183 23.64 1.61 -3.09
C VAL A 183 24.34 2.62 -2.16
N ALA A 184 25.27 2.13 -1.37
CA ALA A 184 25.90 2.95 -0.33
C ALA A 184 27.28 3.40 -0.83
N GLU A 185 27.99 4.18 0.00
CA GLU A 185 29.36 4.61 -0.30
C GLU A 185 30.21 3.44 -0.81
N GLY A 186 30.97 3.69 -1.87
CA GLY A 186 31.79 2.66 -2.53
C GLY A 186 30.97 1.78 -3.46
N ARG A 187 29.75 2.23 -3.76
CA ARG A 187 28.76 1.44 -4.50
C ARG A 187 28.58 0.03 -3.89
N LYS A 188 28.46 -0.03 -2.57
CA LYS A 188 28.21 -1.30 -1.89
C LYS A 188 26.71 -1.57 -1.79
N MET A 189 26.31 -2.79 -2.16
CA MET A 189 24.89 -3.16 -2.13
C MET A 189 24.43 -3.38 -0.69
N LYS A 190 23.25 -2.85 -0.34
CA LYS A 190 22.64 -3.06 0.98
C LYS A 190 21.17 -3.47 0.80
N ILE A 191 20.86 -4.72 1.14
CA ILE A 191 19.46 -5.17 1.13
C ILE A 191 18.69 -4.36 2.19
N SER A 192 17.54 -3.83 1.83
CA SER A 192 16.77 -2.99 2.75
C SER A 192 15.30 -3.42 2.72
N ASP A 193 14.47 -2.65 3.43
CA ASP A 193 13.01 -2.76 3.41
C ASP A 193 12.54 -4.11 3.89
N PHE A 194 12.70 -4.32 5.19
CA PHE A 194 12.40 -5.59 5.84
C PHE A 194 11.00 -5.67 6.46
N GLY A 195 10.13 -4.73 6.09
CA GLY A 195 8.80 -4.66 6.70
C GLY A 195 7.93 -5.88 6.41
N LEU A 196 8.14 -6.50 5.25
CA LEU A 196 7.40 -7.72 4.86
C LEU A 196 8.14 -9.02 5.18
N SER A 197 9.33 -8.91 5.77
CA SER A 197 10.16 -10.10 5.99
C SER A 197 9.64 -10.94 7.15
N ARG A 198 9.84 -12.25 7.09
CA ARG A 198 9.24 -13.13 8.07
C ARG A 198 10.21 -14.24 8.45
N ASP A 199 10.12 -14.69 9.70
CA ASP A 199 10.93 -15.80 10.15
C ASP A 199 10.26 -17.11 9.72
N VAL A 200 11.06 -18.12 9.37
CA VAL A 200 10.49 -19.42 8.98
C VAL A 200 11.18 -20.49 9.83
N TYR A 201 11.39 -20.16 11.10
CA TYR A 201 11.85 -21.12 12.13
C TYR A 201 11.49 -22.58 11.90
N GLU A 202 10.20 -22.88 11.80
CA GLU A 202 9.74 -24.26 11.64
C GLU A 202 8.99 -24.54 10.33
N GLU A 203 9.32 -25.67 9.71
CA GLU A 203 8.81 -26.09 8.40
C GLU A 203 9.47 -25.33 7.23
N ASP A 204 10.29 -24.34 7.57
CA ASP A 204 11.02 -23.55 6.58
C ASP A 204 10.11 -22.84 5.57
N SER A 205 8.91 -22.47 6.02
CA SER A 205 7.97 -21.75 5.16
C SER A 205 7.18 -20.73 5.97
N TYR A 206 6.76 -19.68 5.29
CA TYR A 206 5.85 -18.71 5.84
C TYR A 206 4.62 -18.76 4.95
N VAL A 207 3.47 -18.99 5.59
CA VAL A 207 2.21 -19.11 4.87
C VAL A 207 1.19 -18.18 5.51
N LYS A 208 0.45 -17.47 4.68
CA LYS A 208 -0.58 -16.57 5.17
C LYS A 208 -1.89 -16.90 4.48
N ARG A 209 -2.96 -16.98 5.26
CA ARG A 209 -4.30 -17.25 4.73
C ARG A 209 -4.76 -16.13 3.78
N SER A 210 -4.45 -14.91 4.17
CA SER A 210 -4.89 -13.70 3.47
C SER A 210 -3.95 -13.36 2.32
N GLN A 211 -4.40 -12.44 1.47
CA GLN A 211 -3.62 -11.97 0.31
C GLN A 211 -2.43 -11.15 0.75
N GLY A 212 -1.30 -11.34 0.08
CA GLY A 212 -0.08 -10.61 0.42
C GLY A 212 -0.01 -9.21 -0.14
N ARG A 213 0.99 -8.46 0.31
CA ARG A 213 1.19 -7.09 -0.14
C ARG A 213 2.47 -6.89 -0.97
N ILE A 214 3.07 -7.99 -1.43
CA ILE A 214 4.19 -7.91 -2.40
C ILE A 214 3.62 -7.72 -3.81
N PRO A 215 4.18 -6.76 -4.59
CA PRO A 215 3.77 -6.63 -6.00
C PRO A 215 3.83 -7.96 -6.75
N VAL A 216 2.75 -8.26 -7.47
CA VAL A 216 2.61 -9.53 -8.18
C VAL A 216 3.79 -9.88 -9.07
N LYS A 217 4.34 -8.87 -9.76
CA LYS A 217 5.39 -9.08 -10.75
C LYS A 217 6.72 -9.61 -10.19
N TRP A 218 6.89 -9.56 -8.86
CA TRP A 218 8.11 -10.10 -8.24
C TRP A 218 7.87 -11.43 -7.52
N MET A 219 6.62 -11.91 -7.52
CA MET A 219 6.24 -13.09 -6.73
C MET A 219 6.46 -14.42 -7.44
N ALA A 220 6.93 -15.40 -6.67
CA ALA A 220 7.11 -16.74 -7.15
C ALA A 220 5.74 -17.34 -7.42
N ILE A 221 5.68 -18.26 -8.36
CA ILE A 221 4.40 -18.88 -8.78
C ILE A 221 3.64 -19.54 -7.60
N GLU A 222 4.35 -20.25 -6.73
CA GLU A 222 3.73 -20.87 -5.55
C GLU A 222 3.28 -19.85 -4.49
N SER A 223 3.92 -18.67 -4.44
CA SER A 223 3.44 -17.62 -3.55
C SER A 223 2.16 -17.04 -4.08
N LEU A 224 2.12 -16.82 -5.40
CA LEU A 224 0.93 -16.27 -6.07
C LEU A 224 -0.30 -17.18 -5.98
N PHE A 225 -0.10 -18.45 -6.27
CA PHE A 225 -1.20 -19.40 -6.24
C PHE A 225 -1.46 -19.97 -4.85
N ASP A 226 -0.41 -20.34 -4.13
CA ASP A 226 -0.55 -21.11 -2.91
C ASP A 226 -0.27 -20.36 -1.60
N HIS A 227 0.17 -19.09 -1.69
CA HIS A 227 0.51 -18.27 -0.51
C HIS A 227 1.70 -18.80 0.28
N ILE A 228 2.57 -19.55 -0.39
CA ILE A 228 3.72 -20.16 0.26
C ILE A 228 4.96 -19.30 0.00
N TYR A 229 5.64 -18.91 1.06
CA TYR A 229 6.92 -18.18 0.95
C TYR A 229 8.03 -18.97 1.64
N THR A 230 9.12 -19.21 0.91
CA THR A 230 10.30 -19.91 1.42
C THR A 230 11.54 -19.15 0.90
N THR A 231 12.73 -19.60 1.27
CA THR A 231 13.95 -19.08 0.66
C THR A 231 13.92 -19.27 -0.86
N GLN A 232 13.29 -20.36 -1.32
CA GLN A 232 13.21 -20.61 -2.74
C GLN A 232 12.30 -19.62 -3.47
N SER A 233 11.30 -19.06 -2.80
CA SER A 233 10.55 -17.99 -3.43
C SER A 233 11.34 -16.68 -3.46
N ASP A 234 12.21 -16.45 -2.45
CA ASP A 234 13.17 -15.33 -2.53
C ASP A 234 14.11 -15.50 -3.73
N VAL A 235 14.50 -16.75 -4.00
CA VAL A 235 15.32 -17.04 -5.19
C VAL A 235 14.62 -16.59 -6.49
N TRP A 236 13.33 -16.94 -6.63
CA TRP A 236 12.52 -16.44 -7.74
C TRP A 236 12.60 -14.91 -7.85
N SER A 237 12.32 -14.21 -6.76
CA SER A 237 12.40 -12.75 -6.74
C SER A 237 13.81 -12.26 -7.08
N PHE A 238 14.83 -12.97 -6.59
CA PHE A 238 16.21 -12.66 -6.96
C PHE A 238 16.39 -12.72 -8.47
N GLY A 239 15.75 -13.69 -9.13
CA GLY A 239 15.81 -13.78 -10.58
C GLY A 239 15.21 -12.56 -11.27
N VAL A 240 14.08 -12.07 -10.75
CA VAL A 240 13.47 -10.85 -11.27
C VAL A 240 14.43 -9.66 -11.04
N LEU A 241 15.07 -9.63 -9.87
CA LEU A 241 16.08 -8.59 -9.58
C LEU A 241 17.26 -8.65 -10.56
N LEU A 242 17.72 -9.84 -10.89
CA LEU A 242 18.79 -9.99 -11.90
C LEU A 242 18.39 -9.38 -13.23
N TRP A 243 17.15 -9.64 -13.66
CA TRP A 243 16.58 -9.02 -14.84
C TRP A 243 16.57 -7.48 -14.73
N GLU A 244 16.11 -6.95 -13.59
CA GLU A 244 16.14 -5.50 -13.36
C GLU A 244 17.57 -4.94 -13.44
N ILE A 245 18.53 -5.70 -12.91
CA ILE A 245 19.93 -5.24 -12.92
C ILE A 245 20.46 -5.11 -14.36
N VAL A 246 20.32 -6.16 -15.16
N VAL A 246 20.31 -6.17 -15.14
CA VAL A 246 20.87 -6.15 -16.52
CA VAL A 246 20.83 -6.19 -16.51
C VAL A 246 20.15 -5.21 -17.48
C VAL A 246 20.16 -5.17 -17.43
N THR A 247 18.90 -4.87 -17.16
CA THR A 247 18.17 -3.88 -17.96
C THR A 247 18.36 -2.45 -17.45
N LEU A 248 19.27 -2.27 -16.49
CA LEU A 248 19.56 -0.99 -15.83
C LEU A 248 18.30 -0.37 -15.26
N GLY A 249 17.56 -1.14 -14.46
CA GLY A 249 16.35 -0.63 -13.82
C GLY A 249 15.09 -0.73 -14.65
N GLY A 250 15.05 -1.71 -15.56
CA GLY A 250 13.86 -2.01 -16.36
C GLY A 250 12.64 -2.43 -15.56
N ASN A 251 11.45 -2.30 -16.16
CA ASN A 251 10.20 -2.72 -15.52
C ASN A 251 9.83 -4.15 -15.95
N PRO A 252 9.72 -5.08 -14.98
CA PRO A 252 9.44 -6.49 -15.31
C PRO A 252 8.12 -6.71 -16.08
N TYR A 253 8.10 -7.70 -16.96
CA TYR A 253 6.92 -8.04 -17.77
C TYR A 253 6.31 -6.76 -18.33
N PRO A 254 7.12 -5.98 -19.08
CA PRO A 254 6.67 -4.66 -19.50
C PRO A 254 5.43 -4.76 -20.38
N GLY A 255 4.39 -4.00 -20.05
CA GLY A 255 3.19 -3.97 -20.86
C GLY A 255 2.22 -5.09 -20.56
N ILE A 256 2.58 -5.96 -19.61
CA ILE A 256 1.68 -7.05 -19.22
C ILE A 256 1.02 -6.68 -17.89
N PRO A 257 -0.32 -6.54 -17.89
CA PRO A 257 -1.09 -6.24 -16.67
C PRO A 257 -0.87 -7.32 -15.60
N PRO A 258 -0.76 -6.92 -14.32
CA PRO A 258 -0.40 -7.88 -13.27
C PRO A 258 -1.36 -9.08 -13.16
N GLU A 259 -2.65 -8.86 -13.40
CA GLU A 259 -3.63 -9.94 -13.31
C GLU A 259 -3.35 -11.05 -14.33
N ARG A 260 -2.65 -10.71 -15.41
CA ARG A 260 -2.30 -11.70 -16.46
C ARG A 260 -1.19 -12.66 -16.05
N LEU A 261 -0.44 -12.34 -14.99
CA LEU A 261 0.67 -13.21 -14.56
C LEU A 261 0.22 -14.60 -14.12
N PHE A 262 -0.97 -14.70 -13.56
CA PHE A 262 -1.48 -16.01 -13.09
C PHE A 262 -1.45 -16.99 -14.25
N ASN A 263 -2.10 -16.65 -15.35
CA ASN A 263 -2.11 -17.53 -16.50
C ASN A 263 -0.77 -17.63 -17.21
N LEU A 264 -0.07 -16.50 -17.33
CA LEU A 264 1.22 -16.46 -18.00
C LEU A 264 2.21 -17.43 -17.36
N LEU A 265 2.36 -17.36 -16.03
CA LEU A 265 3.33 -18.20 -15.34
C LEU A 265 2.91 -19.67 -15.33
N LYS A 266 1.63 -19.90 -15.11
CA LYS A 266 1.09 -21.25 -15.07
C LYS A 266 1.37 -21.99 -16.37
N THR A 267 1.27 -21.29 -17.49
CA THR A 267 1.53 -21.86 -18.82
C THR A 267 3.01 -21.90 -19.19
N GLY A 268 3.88 -21.61 -18.23
CA GLY A 268 5.32 -21.76 -18.42
C GLY A 268 6.04 -20.63 -19.12
N HIS A 269 5.36 -19.53 -19.40
CA HIS A 269 6.05 -18.36 -19.95
C HIS A 269 6.90 -17.67 -18.88
N ARG A 270 8.01 -17.09 -19.33
CA ARG A 270 8.93 -16.32 -18.47
C ARG A 270 9.40 -15.15 -19.29
N MET A 271 9.94 -14.13 -18.64
CA MET A 271 10.52 -13.00 -19.34
C MET A 271 11.60 -13.46 -20.33
N GLU A 272 11.67 -12.77 -21.45
CA GLU A 272 12.65 -13.10 -22.48
C GLU A 272 14.02 -12.56 -22.12
N ARG A 273 15.05 -13.04 -22.80
CA ARG A 273 16.41 -12.62 -22.55
C ARG A 273 16.58 -11.16 -22.97
N PRO A 274 16.99 -10.28 -22.03
CA PRO A 274 17.17 -8.84 -22.33
C PRO A 274 18.39 -8.58 -23.20
N ASP A 275 18.50 -7.37 -23.71
CA ASP A 275 19.52 -7.00 -24.69
C ASP A 275 20.98 -7.22 -24.29
N ASN A 276 21.45 -6.58 -23.21
CA ASN A 276 22.83 -6.82 -22.80
C ASN A 276 22.96 -7.88 -21.71
N CYS A 277 22.28 -9.00 -21.91
CA CYS A 277 22.34 -10.15 -20.99
C CYS A 277 23.02 -11.31 -21.68
N SER A 278 24.06 -11.86 -21.06
CA SER A 278 24.76 -13.04 -21.59
C SER A 278 23.89 -14.29 -21.55
N GLU A 279 24.28 -15.30 -22.30
CA GLU A 279 23.58 -16.58 -22.27
C GLU A 279 23.64 -17.20 -20.88
N GLU A 280 24.78 -17.06 -20.21
CA GLU A 280 24.97 -17.63 -18.88
C GLU A 280 24.14 -16.90 -17.83
N MET A 281 24.09 -15.57 -17.94
CA MET A 281 23.25 -14.77 -17.04
C MET A 281 21.77 -15.11 -17.21
N TYR A 282 21.32 -15.29 -18.46
CA TYR A 282 19.93 -15.67 -18.71
C TYR A 282 19.61 -17.10 -18.21
N ARG A 283 20.57 -18.01 -18.37
CA ARG A 283 20.41 -19.37 -17.85
C ARG A 283 20.15 -19.33 -16.34
N LEU A 284 20.90 -18.48 -15.64
CA LEU A 284 20.75 -18.34 -14.20
C LEU A 284 19.35 -17.80 -13.87
N MET A 285 18.90 -16.78 -14.60
CA MET A 285 17.54 -16.24 -14.41
C MET A 285 16.47 -17.32 -14.56
N LEU A 286 16.56 -18.09 -15.63
CA LEU A 286 15.58 -19.14 -15.91
C LEU A 286 15.59 -20.19 -14.82
N GLN A 287 16.77 -20.48 -14.27
CA GLN A 287 16.86 -21.46 -13.20
C GLN A 287 16.13 -20.94 -11.96
N CYS A 288 16.26 -19.64 -11.69
CA CYS A 288 15.56 -19.00 -10.55
C CYS A 288 14.05 -19.03 -10.70
N TRP A 289 13.55 -19.13 -11.93
CA TRP A 289 12.10 -19.14 -12.21
C TRP A 289 11.52 -20.54 -12.53
N LYS A 290 12.25 -21.60 -12.17
CA LYS A 290 11.72 -22.95 -12.33
C LYS A 290 10.43 -23.07 -11.55
N GLN A 291 9.44 -23.70 -12.17
CA GLN A 291 8.16 -23.88 -11.53
C GLN A 291 8.30 -24.63 -10.21
N GLU A 292 9.15 -25.66 -10.21
CA GLU A 292 9.37 -26.48 -9.02
C GLU A 292 10.43 -25.84 -8.12
N PRO A 293 10.04 -25.41 -6.89
CA PRO A 293 10.94 -24.58 -6.05
C PRO A 293 12.26 -25.29 -5.71
N ASP A 294 12.19 -26.60 -5.50
CA ASP A 294 13.42 -27.35 -5.19
C ASP A 294 14.34 -27.58 -6.40
N LYS A 295 13.87 -27.24 -7.61
CA LYS A 295 14.73 -27.26 -8.79
C LYS A 295 15.49 -25.93 -9.05
N ARG A 296 15.15 -24.89 -8.29
CA ARG A 296 15.85 -23.60 -8.35
C ARG A 296 17.17 -23.70 -7.58
N PRO A 297 18.18 -22.89 -7.96
CA PRO A 297 19.43 -22.86 -7.17
C PRO A 297 19.21 -22.30 -5.77
N VAL A 298 20.03 -22.71 -4.80
CA VAL A 298 20.02 -22.04 -3.48
C VAL A 298 21.00 -20.87 -3.55
N PHE A 299 20.90 -19.92 -2.61
CA PHE A 299 21.71 -18.69 -2.68
C PHE A 299 23.21 -18.95 -2.66
N ALA A 300 23.64 -19.97 -1.91
CA ALA A 300 25.05 -20.39 -1.93
C ALA A 300 25.54 -20.71 -3.36
N ASP A 301 24.72 -21.40 -4.14
CA ASP A 301 25.09 -21.77 -5.50
C ASP A 301 24.99 -20.61 -6.48
N ILE A 302 24.00 -19.75 -6.30
CA ILE A 302 23.92 -18.52 -7.09
C ILE A 302 25.19 -17.68 -6.92
N SER A 303 25.63 -17.52 -5.68
CA SER A 303 26.87 -16.81 -5.42
C SER A 303 28.02 -17.44 -6.17
N LYS A 304 28.09 -18.77 -6.15
CA LYS A 304 29.12 -19.52 -6.89
C LYS A 304 29.02 -19.28 -8.41
N ASP A 305 27.80 -19.26 -8.94
CA ASP A 305 27.57 -19.01 -10.37
C ASP A 305 28.04 -17.61 -10.77
N LEU A 306 27.81 -16.64 -9.90
CA LEU A 306 28.20 -15.26 -10.19
C LEU A 306 29.72 -15.09 -10.11
N GLU A 307 30.32 -15.76 -9.13
CA GLU A 307 31.78 -15.78 -8.98
C GLU A 307 32.50 -16.30 -10.22
N LYS A 308 31.96 -17.36 -10.83
CA LYS A 308 32.58 -17.91 -12.04
C LYS A 308 32.30 -17.07 -13.29
N MET A 309 31.24 -16.26 -13.26
CA MET A 309 30.97 -15.32 -14.35
C MET A 309 31.94 -14.15 -14.30
N MET A 310 32.20 -13.64 -13.10
CA MET A 310 33.13 -12.53 -12.89
C MET A 310 34.56 -12.91 -13.25
N VAL A 311 34.87 -14.19 -13.12
CA VAL A 311 36.22 -14.70 -13.33
C VAL A 311 36.46 -15.13 -14.78
N LYS A 312 35.39 -15.49 -15.48
CA LYS A 312 35.47 -15.80 -16.90
C LYS A 312 35.25 -14.54 -17.73
N ARG A 313 36.20 -13.60 -17.61
CA ARG A 313 36.17 -12.33 -18.32
C ARG A 313 37.57 -11.93 -18.78
N GLY B 1 -5.16 -20.29 -5.55
CA GLY B 1 -5.75 -19.87 -4.25
C GLY B 1 -6.94 -18.94 -4.48
N PRO B 2 -7.41 -18.25 -3.41
CA PRO B 2 -8.67 -17.53 -3.57
C PRO B 2 -8.64 -16.47 -4.67
N LEU B 3 -7.52 -15.76 -4.79
CA LEU B 3 -7.43 -14.72 -5.80
C LEU B 3 -7.38 -15.26 -7.23
N SER B 4 -6.53 -16.26 -7.47
CA SER B 4 -6.45 -16.84 -8.81
C SER B 4 -7.83 -17.38 -9.24
N LEU B 5 -8.60 -17.91 -8.29
CA LEU B 5 -9.99 -18.31 -8.59
C LEU B 5 -10.84 -17.10 -8.99
N SER B 6 -10.71 -16.00 -8.24
CA SER B 6 -11.50 -14.80 -8.53
C SER B 6 -11.12 -14.16 -9.86
N VAL B 7 -9.81 -14.13 -10.16
CA VAL B 7 -9.29 -13.51 -11.39
C VAL B 7 -9.80 -14.28 -12.61
N ASP B 8 -9.67 -15.60 -12.53
CA ASP B 8 -10.08 -16.43 -13.65
C ASP B 8 -11.59 -16.32 -13.89
N ALA B 9 -12.39 -16.39 -12.83
CA ALA B 9 -13.85 -16.19 -12.92
C ALA B 9 -14.18 -14.85 -13.57
N PHE B 10 -13.48 -13.80 -13.13
CA PHE B 10 -13.68 -12.46 -13.65
C PHE B 10 -13.43 -12.36 -15.15
N LYS B 11 -12.45 -13.12 -15.63
CA LYS B 11 -12.05 -13.04 -17.03
C LYS B 11 -12.92 -13.89 -17.97
N ILE B 12 -13.77 -14.75 -17.41
CA ILE B 12 -14.80 -15.45 -18.18
C ILE B 12 -15.92 -14.50 -18.64
N LEU B 13 -16.18 -14.47 -19.94
CA LEU B 13 -17.18 -13.57 -20.54
C LEU B 13 -18.61 -13.99 -20.18
N GLU B 14 -19.11 -13.41 -19.09
CA GLU B 14 -20.46 -13.67 -18.59
CA GLU B 14 -20.46 -13.68 -18.61
C GLU B 14 -21.17 -12.35 -18.32
N ASP B 15 -22.50 -12.40 -18.27
CA ASP B 15 -23.35 -11.24 -17.98
C ASP B 15 -22.99 -9.97 -18.78
N PRO B 16 -23.59 -9.81 -19.98
CA PRO B 16 -23.41 -8.60 -20.78
C PRO B 16 -23.85 -7.36 -20.01
N LYS B 17 -24.62 -7.57 -18.94
CA LYS B 17 -25.08 -6.51 -18.05
C LYS B 17 -23.91 -5.67 -17.53
N TRP B 18 -22.86 -6.34 -17.09
CA TRP B 18 -21.74 -5.68 -16.42
C TRP B 18 -20.43 -5.65 -17.22
N GLU B 19 -20.42 -6.26 -18.40
CA GLU B 19 -19.26 -6.14 -19.28
C GLU B 19 -19.46 -4.98 -20.25
N PHE B 20 -18.51 -4.04 -20.26
CA PHE B 20 -18.58 -2.92 -21.18
C PHE B 20 -17.55 -3.07 -22.31
N PRO B 21 -17.97 -2.84 -23.58
CA PRO B 21 -17.04 -2.94 -24.71
C PRO B 21 -15.90 -1.93 -24.59
N ARG B 22 -14.68 -2.43 -24.56
CA ARG B 22 -13.50 -1.59 -24.40
C ARG B 22 -13.42 -0.50 -25.45
N LYS B 23 -13.85 -0.82 -26.68
CA LYS B 23 -13.76 0.11 -27.78
C LYS B 23 -14.66 1.33 -27.60
N ASN B 24 -15.62 1.25 -26.67
CA ASN B 24 -16.57 2.35 -26.44
C ASN B 24 -16.16 3.25 -25.27
N LEU B 25 -14.95 3.03 -24.77
CA LEU B 25 -14.40 3.80 -23.66
C LEU B 25 -13.19 4.63 -24.11
N VAL B 26 -13.26 5.95 -23.91
CA VAL B 26 -12.14 6.85 -24.22
C VAL B 26 -11.61 7.43 -22.91
N LEU B 27 -10.42 7.01 -22.51
CA LEU B 27 -9.83 7.45 -21.24
C LEU B 27 -9.26 8.87 -21.35
N GLY B 28 -9.49 9.67 -20.31
CA GLY B 28 -9.07 11.06 -20.30
C GLY B 28 -8.06 11.32 -19.19
N LYS B 29 -8.19 12.48 -18.56
CA LYS B 29 -7.20 12.94 -17.56
C LYS B 29 -7.29 12.19 -16.24
N THR B 30 -6.16 12.10 -15.54
CA THR B 30 -6.09 11.49 -14.23
C THR B 30 -6.78 12.39 -13.21
N LEU B 31 -7.69 11.79 -12.44
CA LEU B 31 -8.44 12.52 -11.43
C LEU B 31 -7.74 12.47 -10.08
N GLY B 32 -7.07 11.35 -9.82
CA GLY B 32 -6.36 11.15 -8.58
C GLY B 32 -5.97 9.70 -8.39
N GLU B 33 -5.54 9.39 -7.17
CA GLU B 33 -5.08 8.06 -6.80
C GLU B 33 -6.09 7.40 -5.86
N GLY B 34 -6.59 6.24 -6.27
CA GLY B 34 -7.35 5.39 -5.37
C GLY B 34 -6.40 4.44 -4.62
N GLU B 35 -6.98 3.55 -3.83
CA GLU B 35 -6.25 2.59 -3.01
C GLU B 35 -5.51 1.55 -3.86
N PHE B 36 -6.08 1.16 -5.01
CA PHE B 36 -5.41 0.16 -5.86
C PHE B 36 -4.86 0.67 -7.19
N GLY B 37 -4.99 1.97 -7.43
CA GLY B 37 -4.45 2.58 -8.65
C GLY B 37 -5.13 3.87 -9.06
N LYS B 38 -4.71 4.39 -10.20
CA LYS B 38 -5.22 5.63 -10.78
C LYS B 38 -6.72 5.59 -10.99
N VAL B 39 -7.35 6.75 -10.79
CA VAL B 39 -8.71 6.98 -11.28
C VAL B 39 -8.58 8.06 -12.34
N VAL B 40 -9.16 7.78 -13.51
CA VAL B 40 -9.12 8.69 -14.64
C VAL B 40 -10.55 9.05 -15.05
N LYS B 41 -10.69 10.23 -15.63
CA LYS B 41 -11.93 10.65 -16.22
C LYS B 41 -12.01 9.95 -17.57
N ALA B 42 -13.23 9.70 -18.03
CA ALA B 42 -13.45 9.05 -19.32
C ALA B 42 -14.82 9.37 -19.88
N THR B 43 -14.99 9.05 -21.17
CA THR B 43 -16.29 9.08 -21.82
C THR B 43 -16.62 7.67 -22.28
N ALA B 44 -17.89 7.30 -22.11
CA ALA B 44 -18.39 5.95 -22.41
C ALA B 44 -19.55 6.06 -23.38
N PHE B 45 -19.41 5.42 -24.54
CA PHE B 45 -20.45 5.44 -25.55
C PHE B 45 -21.42 4.29 -25.32
N HIS B 46 -22.71 4.58 -25.45
CA HIS B 46 -23.78 3.63 -25.12
C HIS B 46 -23.56 2.88 -23.81
N LEU B 47 -23.27 3.63 -22.76
CA LEU B 47 -23.21 3.08 -21.40
C LEU B 47 -24.61 2.75 -20.89
N LYS B 48 -24.86 1.47 -20.60
CA LYS B 48 -26.17 1.00 -20.08
C LYS B 48 -27.31 1.44 -21.00
N GLY B 49 -27.05 1.42 -22.30
CA GLY B 49 -28.04 1.86 -23.28
C GLY B 49 -28.45 3.33 -23.22
N ARG B 50 -27.61 4.18 -22.62
N ARG B 50 -27.63 4.18 -22.63
CA ARG B 50 -27.82 5.63 -22.65
CA ARG B 50 -27.85 5.62 -22.67
C ARG B 50 -27.31 6.17 -23.99
C ARG B 50 -27.32 6.17 -23.99
N ALA B 51 -28.06 7.12 -24.57
CA ALA B 51 -27.68 7.74 -25.84
C ALA B 51 -26.35 8.50 -25.80
N GLY B 52 -25.55 8.35 -26.86
CA GLY B 52 -24.31 9.11 -27.00
C GLY B 52 -23.27 8.78 -25.94
N TYR B 53 -22.56 9.81 -25.47
CA TYR B 53 -21.44 9.67 -24.55
C TYR B 53 -21.78 10.07 -23.12
N THR B 54 -21.48 9.19 -22.17
CA THR B 54 -21.64 9.47 -20.74
C THR B 54 -20.27 9.70 -20.12
N THR B 55 -20.13 10.79 -19.38
CA THR B 55 -18.90 11.04 -18.67
C THR B 55 -18.88 10.10 -17.46
N VAL B 56 -17.78 9.37 -17.32
CA VAL B 56 -17.57 8.45 -16.21
C VAL B 56 -16.21 8.67 -15.59
N ALA B 57 -15.95 7.97 -14.48
CA ALA B 57 -14.61 7.80 -13.95
C ALA B 57 -14.24 6.34 -14.17
N VAL B 58 -12.94 6.06 -14.23
CA VAL B 58 -12.48 4.68 -14.46
C VAL B 58 -11.38 4.35 -13.47
N LYS B 59 -11.58 3.23 -12.76
CA LYS B 59 -10.64 2.79 -11.75
C LYS B 59 -9.70 1.75 -12.34
N MET B 60 -8.40 2.01 -12.21
CA MET B 60 -7.36 1.17 -12.83
C MET B 60 -6.58 0.47 -11.72
N LEU B 61 -5.78 -0.50 -12.12
CA LEU B 61 -4.88 -1.18 -11.23
C LEU B 61 -3.43 -0.77 -11.54
N LYS B 62 -2.71 -0.25 -10.54
CA LYS B 62 -1.27 0.06 -10.68
C LYS B 62 -0.49 -1.17 -11.21
N GLU B 63 0.58 -0.94 -11.96
N GLU B 63 0.58 -0.93 -11.95
CA GLU B 63 1.35 -2.05 -12.53
CA GLU B 63 1.37 -2.01 -12.54
C GLU B 63 2.11 -2.87 -11.49
C GLU B 63 2.06 -2.87 -11.46
N ASN B 64 2.45 -2.23 -10.37
CA ASN B 64 3.12 -2.90 -9.23
C ASN B 64 2.10 -3.31 -8.16
N ALA B 65 0.86 -3.48 -8.59
CA ALA B 65 -0.21 -4.02 -7.74
C ALA B 65 0.22 -5.30 -7.06
N SER B 66 -0.13 -5.40 -5.78
CA SER B 66 -0.05 -6.61 -4.98
C SER B 66 -1.32 -7.47 -5.15
N PRO B 67 -1.28 -8.73 -4.70
CA PRO B 67 -2.53 -9.50 -4.64
C PRO B 67 -3.62 -8.82 -3.83
N SER B 68 -3.24 -8.18 -2.71
CA SER B 68 -4.23 -7.43 -1.89
C SER B 68 -4.96 -6.36 -2.68
N GLU B 69 -4.23 -5.62 -3.51
CA GLU B 69 -4.83 -4.53 -4.28
C GLU B 69 -5.73 -5.06 -5.39
N LEU B 70 -5.30 -6.14 -6.04
CA LEU B 70 -6.12 -6.80 -7.08
C LEU B 70 -7.39 -7.42 -6.48
N ARG B 71 -7.24 -8.05 -5.32
CA ARG B 71 -8.40 -8.60 -4.58
C ARG B 71 -9.42 -7.49 -4.24
N ASP B 72 -8.93 -6.32 -3.81
CA ASP B 72 -9.80 -5.18 -3.48
C ASP B 72 -10.57 -4.65 -4.68
N LEU B 73 -9.92 -4.62 -5.84
CA LEU B 73 -10.58 -4.18 -7.08
C LEU B 73 -11.73 -5.15 -7.40
N LEU B 74 -11.44 -6.45 -7.40
CA LEU B 74 -12.47 -7.46 -7.73
C LEU B 74 -13.61 -7.46 -6.69
N SER B 75 -13.26 -7.28 -5.43
CA SER B 75 -14.24 -7.24 -4.36
C SER B 75 -15.17 -6.04 -4.49
N GLU B 76 -14.61 -4.86 -4.81
CA GLU B 76 -15.41 -3.65 -5.02
C GLU B 76 -16.42 -3.83 -6.15
N PHE B 77 -15.97 -4.45 -7.22
CA PHE B 77 -16.83 -4.80 -8.36
C PHE B 77 -17.96 -5.70 -7.88
N ASN B 78 -17.61 -6.73 -7.12
CA ASN B 78 -18.64 -7.69 -6.74
C ASN B 78 -19.61 -7.14 -5.72
N VAL B 79 -19.14 -6.24 -4.86
CA VAL B 79 -20.02 -5.57 -3.89
C VAL B 79 -20.95 -4.56 -4.57
N LEU B 80 -20.37 -3.68 -5.40
CA LEU B 80 -21.15 -2.59 -6.01
C LEU B 80 -22.19 -3.05 -7.04
N LYS B 81 -22.02 -4.24 -7.58
CA LYS B 81 -23.04 -4.83 -8.46
C LYS B 81 -24.41 -4.96 -7.80
N GLN B 82 -24.44 -5.04 -6.47
CA GLN B 82 -25.66 -5.31 -5.71
C GLN B 82 -26.27 -4.06 -5.09
N VAL B 83 -25.68 -2.91 -5.38
CA VAL B 83 -26.00 -1.69 -4.66
C VAL B 83 -26.61 -0.64 -5.58
N ASN B 84 -27.66 0.00 -5.10
CA ASN B 84 -28.30 1.09 -5.83
C ASN B 84 -28.94 2.05 -4.83
N HIS B 85 -28.33 3.23 -4.67
CA HIS B 85 -28.81 4.27 -3.76
C HIS B 85 -28.20 5.59 -4.20
N PRO B 86 -28.98 6.68 -4.12
CA PRO B 86 -28.54 8.00 -4.60
C PRO B 86 -27.27 8.52 -3.92
N HIS B 87 -26.95 8.00 -2.74
CA HIS B 87 -25.78 8.50 -2.03
C HIS B 87 -24.65 7.49 -1.88
N VAL B 88 -24.68 6.47 -2.73
CA VAL B 88 -23.54 5.55 -2.90
C VAL B 88 -23.09 5.67 -4.36
N ILE B 89 -21.79 5.85 -4.58
CA ILE B 89 -21.25 5.94 -5.95
C ILE B 89 -21.63 4.68 -6.77
N LYS B 90 -22.01 4.90 -8.03
CA LYS B 90 -22.53 3.84 -8.89
C LYS B 90 -21.41 3.12 -9.63
N LEU B 91 -21.58 1.80 -9.78
CA LEU B 91 -20.80 0.98 -10.70
C LEU B 91 -21.63 0.73 -11.95
N TYR B 92 -21.05 1.00 -13.11
CA TYR B 92 -21.74 0.74 -14.38
C TYR B 92 -21.31 -0.53 -15.08
N GLY B 93 -20.08 -0.94 -14.84
CA GLY B 93 -19.57 -2.14 -15.46
C GLY B 93 -18.05 -2.22 -15.38
N ALA B 94 -17.50 -3.16 -16.13
CA ALA B 94 -16.06 -3.43 -16.13
C ALA B 94 -15.60 -3.89 -17.50
N CYS B 95 -14.32 -3.69 -17.78
CA CYS B 95 -13.69 -4.26 -18.96
C CYS B 95 -12.77 -5.38 -18.47
N SER B 96 -13.14 -6.61 -18.78
CA SER B 96 -12.41 -7.78 -18.31
C SER B 96 -11.83 -8.63 -19.45
N GLN B 97 -12.02 -8.19 -20.70
CA GLN B 97 -11.69 -9.01 -21.89
C GLN B 97 -10.63 -8.41 -22.82
N ASP B 98 -10.27 -7.16 -22.57
CA ASP B 98 -9.44 -6.40 -23.50
C ASP B 98 -8.48 -5.56 -22.73
N GLY B 99 -7.24 -6.02 -22.61
CA GLY B 99 -6.21 -5.32 -21.85
C GLY B 99 -6.47 -5.35 -20.35
N PRO B 100 -5.95 -4.35 -19.64
CA PRO B 100 -5.95 -4.29 -18.19
C PRO B 100 -7.37 -4.17 -17.63
N LEU B 101 -7.58 -4.70 -16.42
CA LEU B 101 -8.88 -4.61 -15.77
C LEU B 101 -9.24 -3.17 -15.50
N LEU B 102 -10.47 -2.80 -15.85
CA LEU B 102 -10.97 -1.46 -15.60
C LEU B 102 -12.37 -1.56 -14.99
N LEU B 103 -12.62 -0.75 -13.97
CA LEU B 103 -13.96 -0.58 -13.42
C LEU B 103 -14.52 0.76 -13.87
N ILE B 104 -15.72 0.72 -14.43
CA ILE B 104 -16.37 1.93 -14.94
C ILE B 104 -17.41 2.39 -13.95
N VAL B 105 -17.18 3.57 -13.40
CA VAL B 105 -17.90 4.05 -12.23
C VAL B 105 -18.39 5.47 -12.44
N GLU B 106 -19.31 5.90 -11.56
CA GLU B 106 -19.92 7.22 -11.62
C GLU B 106 -18.90 8.31 -11.40
N TYR B 107 -19.00 9.38 -12.18
CA TYR B 107 -18.10 10.53 -12.05
C TYR B 107 -18.68 11.53 -11.05
N ALA B 108 -17.84 12.07 -10.16
CA ALA B 108 -18.30 13.06 -9.19
C ALA B 108 -17.45 14.32 -9.32
N LYS B 109 -18.05 15.36 -9.91
CA LYS B 109 -17.24 16.49 -10.43
C LYS B 109 -16.36 17.23 -9.41
N TYR B 110 -16.76 17.25 -8.14
CA TYR B 110 -15.98 18.00 -7.13
C TYR B 110 -14.91 17.21 -6.43
N GLY B 111 -14.82 15.91 -6.70
CA GLY B 111 -13.76 15.09 -6.12
C GLY B 111 -14.07 14.65 -4.69
N SER B 112 -13.02 14.49 -3.89
CA SER B 112 -13.17 14.00 -2.53
C SER B 112 -13.72 15.09 -1.60
N LEU B 113 -14.52 14.67 -0.62
CA LEU B 113 -15.08 15.58 0.36
C LEU B 113 -13.98 16.28 1.15
N ARG B 114 -12.90 15.55 1.45
CA ARG B 114 -11.76 16.15 2.11
C ARG B 114 -11.22 17.31 1.27
N GLY B 115 -11.13 17.12 -0.04
CA GLY B 115 -10.64 18.16 -0.95
C GLY B 115 -11.57 19.35 -1.03
N PHE B 116 -12.85 19.07 -1.27
CA PHE B 116 -13.92 20.06 -1.31
C PHE B 116 -13.90 20.96 -0.08
N LEU B 117 -13.79 20.35 1.10
CA LEU B 117 -13.83 21.07 2.37
C LEU B 117 -12.59 21.91 2.63
N ARG B 118 -11.42 21.34 2.35
CA ARG B 118 -10.15 22.01 2.61
C ARG B 118 -9.96 23.27 1.76
N GLU B 119 -10.84 23.44 0.76
CA GLU B 119 -10.89 24.65 -0.07
C GLU B 119 -11.78 25.68 0.58
N SER B 120 -12.89 25.21 1.16
CA SER B 120 -13.99 26.06 1.59
C SER B 120 -13.72 26.91 2.84
N ARG B 121 -14.69 27.76 3.17
CA ARG B 121 -14.74 28.52 4.42
C ARG B 121 -16.18 28.51 4.95
N LYS B 122 -16.35 28.68 6.26
CA LYS B 122 -17.67 28.66 6.90
C LYS B 122 -18.10 30.04 7.41
N VAL B 123 -19.43 30.26 7.48
CA VAL B 123 -20.00 31.51 8.00
C VAL B 123 -20.55 31.33 9.41
N GLU B 144 -11.96 30.38 -1.37
CA GLU B 144 -12.83 29.95 -0.27
C GLU B 144 -14.30 30.05 -0.66
N ARG B 145 -14.91 28.89 -0.96
CA ARG B 145 -16.32 28.81 -1.33
C ARG B 145 -17.25 28.81 -0.10
N ALA B 146 -18.49 29.26 -0.30
CA ALA B 146 -19.43 29.50 0.78
C ALA B 146 -20.14 28.25 1.29
N LEU B 147 -19.84 27.86 2.52
CA LEU B 147 -20.47 26.70 3.16
C LEU B 147 -21.06 27.04 4.53
N THR B 148 -22.38 26.90 4.63
CA THR B 148 -23.11 27.19 5.86
C THR B 148 -23.23 25.96 6.76
N MET B 149 -23.72 26.18 7.97
CA MET B 149 -23.98 25.10 8.93
C MET B 149 -24.98 24.09 8.37
N GLY B 150 -25.98 24.59 7.64
CA GLY B 150 -27.00 23.76 7.02
C GLY B 150 -26.45 22.83 5.94
N ASP B 151 -25.46 23.32 5.20
CA ASP B 151 -24.78 22.53 4.18
C ASP B 151 -24.09 21.32 4.82
N LEU B 152 -23.24 21.59 5.82
CA LEU B 152 -22.45 20.59 6.53
C LEU B 152 -23.34 19.53 7.19
N ILE B 153 -24.40 19.99 7.86
CA ILE B 153 -25.40 19.08 8.42
C ILE B 153 -26.03 18.26 7.29
N SER B 154 -26.33 18.90 6.16
CA SER B 154 -26.88 18.19 4.99
C SER B 154 -25.87 17.17 4.43
N PHE B 155 -24.60 17.54 4.42
CA PHE B 155 -23.55 16.61 3.97
C PHE B 155 -23.58 15.35 4.82
N ALA B 156 -23.47 15.53 6.14
CA ALA B 156 -23.55 14.44 7.10
C ALA B 156 -24.82 13.62 6.91
N TRP B 157 -25.94 14.30 6.68
CA TRP B 157 -27.22 13.63 6.55
C TRP B 157 -27.28 12.68 5.36
N GLN B 158 -26.81 13.13 4.21
CA GLN B 158 -26.84 12.31 2.98
C GLN B 158 -26.02 11.01 3.13
N ILE B 159 -24.84 11.15 3.73
CA ILE B 159 -23.94 10.03 4.00
C ILE B 159 -24.61 9.00 4.92
N SER B 160 -25.17 9.48 6.03
CA SER B 160 -25.97 8.62 6.92
C SER B 160 -27.10 7.86 6.22
N GLN B 161 -27.76 8.49 5.24
CA GLN B 161 -28.80 7.80 4.48
C GLN B 161 -28.22 6.64 3.68
N GLY B 162 -27.09 6.90 3.02
CA GLY B 162 -26.41 5.86 2.25
C GLY B 162 -25.98 4.70 3.14
N MET B 163 -25.38 5.03 4.28
CA MET B 163 -24.93 4.03 5.24
C MET B 163 -26.07 3.19 5.82
N GLN B 164 -27.20 3.83 6.08
CA GLN B 164 -28.39 3.13 6.56
C GLN B 164 -28.81 2.09 5.54
N TYR B 165 -28.82 2.48 4.27
CA TYR B 165 -29.14 1.55 3.19
C TYR B 165 -28.15 0.37 3.15
N LEU B 166 -26.86 0.66 3.31
CA LEU B 166 -25.83 -0.39 3.26
C LEU B 166 -25.95 -1.34 4.45
N ALA B 167 -26.08 -0.76 5.65
CA ALA B 167 -26.23 -1.54 6.89
C ALA B 167 -27.43 -2.48 6.83
N GLU B 168 -28.53 -2.01 6.27
CA GLU B 168 -29.73 -2.87 6.08
C GLU B 168 -29.49 -4.03 5.12
N MET B 169 -28.51 -3.88 4.23
CA MET B 169 -28.09 -4.95 3.33
C MET B 169 -27.01 -5.84 3.96
N LYS B 170 -26.69 -5.58 5.23
CA LYS B 170 -25.63 -6.29 5.95
C LYS B 170 -24.24 -6.11 5.30
N LEU B 171 -24.01 -4.93 4.72
CA LEU B 171 -22.69 -4.57 4.20
C LEU B 171 -21.99 -3.60 5.16
N VAL B 172 -20.76 -3.95 5.54
CA VAL B 172 -19.91 -3.11 6.39
C VAL B 172 -18.82 -2.49 5.50
N HIS B 173 -18.77 -1.15 5.48
CA HIS B 173 -17.88 -0.44 4.56
C HIS B 173 -16.42 -0.54 5.00
N ARG B 174 -16.19 -0.30 6.29
CA ARG B 174 -14.89 -0.42 6.99
C ARG B 174 -13.97 0.79 6.88
N ASP B 175 -14.09 1.54 5.79
CA ASP B 175 -13.14 2.64 5.54
C ASP B 175 -13.81 3.99 5.34
N LEU B 176 -14.81 4.28 6.17
CA LEU B 176 -15.54 5.53 6.04
C LEU B 176 -14.61 6.65 6.50
N ALA B 177 -14.51 7.70 5.68
CA ALA B 177 -13.60 8.83 5.92
C ALA B 177 -13.86 9.87 4.85
N ALA B 178 -13.52 11.13 5.12
CA ALA B 178 -13.81 12.22 4.17
C ALA B 178 -13.10 12.01 2.82
N ARG B 179 -11.94 11.35 2.86
CA ARG B 179 -11.21 10.96 1.64
C ARG B 179 -12.01 9.95 0.79
N ASN B 180 -12.93 9.22 1.42
CA ASN B 180 -13.69 8.16 0.74
C ASN B 180 -15.15 8.53 0.47
N ILE B 181 -15.44 9.83 0.58
CA ILE B 181 -16.71 10.37 0.12
C ILE B 181 -16.45 11.31 -1.05
N LEU B 182 -17.34 11.24 -2.05
CA LEU B 182 -17.24 12.06 -3.24
C LEU B 182 -18.37 13.07 -3.28
N VAL B 183 -18.09 14.21 -3.91
CA VAL B 183 -19.07 15.29 -4.02
C VAL B 183 -19.40 15.44 -5.50
N ALA B 184 -20.62 15.04 -5.85
CA ALA B 184 -21.07 15.09 -7.23
C ALA B 184 -21.68 16.46 -7.55
N GLU B 185 -22.18 16.60 -8.77
CA GLU B 185 -22.84 17.83 -9.20
C GLU B 185 -24.07 18.10 -8.33
N GLY B 186 -24.19 19.35 -7.89
CA GLY B 186 -25.27 19.74 -6.99
C GLY B 186 -24.91 19.48 -5.53
N ARG B 187 -23.61 19.31 -5.28
CA ARG B 187 -23.04 19.02 -3.96
C ARG B 187 -23.68 17.81 -3.28
N LYS B 188 -23.98 16.79 -4.08
CA LYS B 188 -24.54 15.53 -3.60
C LYS B 188 -23.45 14.59 -3.09
N MET B 189 -23.69 13.94 -1.95
CA MET B 189 -22.72 13.02 -1.38
C MET B 189 -22.82 11.65 -2.03
N LYS B 190 -21.65 11.04 -2.27
CA LYS B 190 -21.55 9.70 -2.82
C LYS B 190 -20.51 8.91 -2.01
N ILE B 191 -20.96 7.86 -1.33
CA ILE B 191 -20.04 7.02 -0.57
C ILE B 191 -19.19 6.24 -1.59
N SER B 192 -17.89 6.22 -1.39
CA SER B 192 -16.99 5.63 -2.39
C SER B 192 -16.05 4.57 -1.81
N ASP B 193 -15.18 4.04 -2.67
CA ASP B 193 -14.06 3.20 -2.24
C ASP B 193 -14.48 1.97 -1.45
N PHE B 194 -15.05 1.01 -2.16
CA PHE B 194 -15.59 -0.20 -1.54
C PHE B 194 -14.63 -1.39 -1.55
N GLY B 195 -13.36 -1.12 -1.83
CA GLY B 195 -12.33 -2.15 -1.89
C GLY B 195 -12.14 -2.95 -0.60
N LEU B 196 -12.47 -2.34 0.53
CA LEU B 196 -12.29 -2.99 1.83
C LEU B 196 -13.59 -3.48 2.48
N SER B 197 -14.72 -3.21 1.81
N SER B 197 -14.72 -3.21 1.81
CA SER B 197 -16.04 -3.57 2.32
CA SER B 197 -16.05 -3.57 2.30
C SER B 197 -16.25 -5.08 2.37
C SER B 197 -16.24 -5.08 2.38
N ARG B 198 -17.05 -5.52 3.33
CA ARG B 198 -17.29 -6.94 3.56
C ARG B 198 -18.77 -7.21 3.80
N ASP B 199 -19.24 -8.39 3.39
CA ASP B 199 -20.62 -8.81 3.64
C ASP B 199 -20.73 -9.58 4.96
N VAL B 200 -21.55 -9.10 5.89
CA VAL B 200 -21.74 -9.77 7.19
C VAL B 200 -23.13 -10.40 7.33
N SER B 210 -5.98 -11.73 11.61
CA SER B 210 -6.05 -10.90 10.40
C SER B 210 -5.90 -9.41 10.74
N GLN B 211 -4.76 -8.85 10.35
CA GLN B 211 -4.41 -7.45 10.66
C GLN B 211 -4.71 -6.53 9.47
N GLY B 212 -5.20 -5.34 9.75
CA GLY B 212 -5.92 -4.54 8.76
C GLY B 212 -5.23 -3.39 8.07
N ARG B 213 -5.88 -2.91 7.00
CA ARG B 213 -5.37 -1.83 6.17
C ARG B 213 -6.17 -0.53 6.25
N ILE B 214 -7.02 -0.42 7.27
CA ILE B 214 -7.73 0.83 7.54
C ILE B 214 -6.87 1.73 8.43
N PRO B 215 -6.71 3.01 8.08
CA PRO B 215 -5.97 3.95 8.92
C PRO B 215 -6.46 3.92 10.37
N VAL B 216 -5.49 3.85 11.29
CA VAL B 216 -5.70 3.72 12.73
C VAL B 216 -6.67 4.77 13.29
N LYS B 217 -6.53 6.01 12.83
CA LYS B 217 -7.29 7.13 13.36
C LYS B 217 -8.80 7.12 13.05
N TRP B 218 -9.23 6.27 12.12
CA TRP B 218 -10.65 6.11 11.80
C TRP B 218 -11.26 4.82 12.35
N MET B 219 -10.45 3.98 12.97
CA MET B 219 -10.89 2.66 13.41
C MET B 219 -11.55 2.69 14.79
N ALA B 220 -12.59 1.87 14.94
CA ALA B 220 -13.24 1.67 16.24
C ALA B 220 -12.34 0.92 17.21
N ILE B 221 -12.53 1.18 18.50
CA ILE B 221 -11.74 0.56 19.57
C ILE B 221 -11.70 -0.98 19.48
N GLU B 222 -12.85 -1.62 19.27
CA GLU B 222 -12.92 -3.08 19.11
C GLU B 222 -12.22 -3.59 17.85
N SER B 223 -12.15 -2.76 16.82
CA SER B 223 -11.45 -3.10 15.60
C SER B 223 -9.94 -3.04 15.87
N LEU B 224 -9.50 -1.99 16.56
CA LEU B 224 -8.10 -1.84 16.94
C LEU B 224 -7.62 -3.00 17.81
N PHE B 225 -8.42 -3.34 18.81
CA PHE B 225 -8.01 -4.35 19.78
C PHE B 225 -8.41 -5.78 19.45
N ASP B 226 -9.56 -5.96 18.81
CA ASP B 226 -10.05 -7.32 18.54
C ASP B 226 -10.23 -7.67 17.07
N HIS B 227 -9.86 -6.74 16.18
CA HIS B 227 -10.02 -6.92 14.73
C HIS B 227 -11.46 -7.29 14.33
N ILE B 228 -12.42 -6.71 15.02
CA ILE B 228 -13.83 -6.95 14.74
C ILE B 228 -14.39 -5.76 13.97
N TYR B 229 -15.13 -6.05 12.91
CA TYR B 229 -15.76 -5.00 12.11
C TYR B 229 -17.23 -5.32 11.91
N THR B 230 -18.08 -4.38 12.30
CA THR B 230 -19.52 -4.48 12.15
C THR B 230 -20.07 -3.12 11.72
N THR B 231 -21.38 -3.06 11.50
CA THR B 231 -22.03 -1.79 11.25
C THR B 231 -21.74 -0.81 12.38
N GLN B 232 -21.62 -1.32 13.61
CA GLN B 232 -21.35 -0.44 14.75
C GLN B 232 -19.92 0.15 14.74
N SER B 233 -18.95 -0.55 14.15
CA SER B 233 -17.65 0.08 13.89
C SER B 233 -17.72 1.06 12.71
N ASP B 234 -18.59 0.81 11.74
CA ASP B 234 -18.85 1.85 10.70
C ASP B 234 -19.37 3.14 11.33
N VAL B 235 -20.19 3.00 12.38
CA VAL B 235 -20.73 4.16 13.10
C VAL B 235 -19.63 4.97 13.76
N TRP B 236 -18.66 4.28 14.38
CA TRP B 236 -17.49 4.95 14.97
C TRP B 236 -16.74 5.80 13.93
N SER B 237 -16.49 5.18 12.77
CA SER B 237 -15.81 5.88 11.67
C SER B 237 -16.63 7.06 11.21
N PHE B 238 -17.93 6.85 11.08
CA PHE B 238 -18.84 7.93 10.75
C PHE B 238 -18.67 9.12 11.69
N GLY B 239 -18.45 8.85 12.98
CA GLY B 239 -18.19 9.89 13.99
C GLY B 239 -16.92 10.68 13.73
N VAL B 240 -15.87 9.97 13.31
CA VAL B 240 -14.64 10.64 12.85
C VAL B 240 -14.91 11.51 11.62
N LEU B 241 -15.71 10.98 10.68
CA LEU B 241 -16.09 11.71 9.47
C LEU B 241 -16.91 12.97 9.81
N LEU B 242 -17.80 12.86 10.80
CA LEU B 242 -18.49 14.04 11.31
C LEU B 242 -17.52 15.11 11.74
N TRP B 243 -16.48 14.70 12.46
CA TRP B 243 -15.47 15.61 12.96
C TRP B 243 -14.75 16.28 11.80
N GLU B 244 -14.39 15.48 10.79
CA GLU B 244 -13.79 16.00 9.57
C GLU B 244 -14.67 17.04 8.88
N ILE B 245 -15.97 16.78 8.81
CA ILE B 245 -16.92 17.69 8.16
C ILE B 245 -16.99 19.07 8.86
N VAL B 246 -17.02 19.07 10.19
CA VAL B 246 -17.17 20.33 10.94
C VAL B 246 -15.85 21.09 11.09
N THR B 247 -14.73 20.40 10.95
CA THR B 247 -13.42 21.05 10.98
C THR B 247 -12.96 21.42 9.56
N LEU B 248 -13.88 21.29 8.61
CA LEU B 248 -13.60 21.54 7.19
C LEU B 248 -12.37 20.80 6.66
N GLY B 249 -12.33 19.50 6.92
CA GLY B 249 -11.26 18.63 6.44
C GLY B 249 -10.04 18.60 7.36
N GLY B 250 -10.25 18.79 8.65
CA GLY B 250 -9.15 18.75 9.61
C GLY B 250 -8.59 17.35 9.70
N ASN B 251 -7.37 17.24 10.24
CA ASN B 251 -6.76 15.93 10.47
C ASN B 251 -7.03 15.46 11.90
N PRO B 252 -7.75 14.33 12.04
CA PRO B 252 -8.16 13.75 13.32
C PRO B 252 -7.00 13.50 14.28
N TYR B 253 -7.26 13.72 15.57
CA TYR B 253 -6.25 13.57 16.61
C TYR B 253 -4.91 14.19 16.22
N PRO B 254 -4.91 15.48 15.80
CA PRO B 254 -3.69 16.08 15.26
C PRO B 254 -2.61 16.21 16.33
N GLY B 255 -1.36 15.95 15.95
CA GLY B 255 -0.25 15.96 16.89
C GLY B 255 -0.13 14.67 17.68
N ILE B 256 -1.13 13.80 17.57
CA ILE B 256 -1.05 12.48 18.21
C ILE B 256 -0.68 11.43 17.16
N PRO B 257 0.45 10.72 17.38
CA PRO B 257 0.85 9.63 16.49
C PRO B 257 -0.11 8.44 16.59
N PRO B 258 -0.46 7.83 15.44
CA PRO B 258 -1.41 6.71 15.42
C PRO B 258 -1.02 5.59 16.38
N GLU B 259 0.28 5.36 16.55
CA GLU B 259 0.78 4.34 17.48
C GLU B 259 0.38 4.61 18.93
N ARG B 260 0.13 5.87 19.26
CA ARG B 260 -0.26 6.28 20.62
C ARG B 260 -1.78 6.37 20.83
N LEU B 261 -2.54 6.16 19.76
CA LEU B 261 -4.00 6.23 19.83
C LEU B 261 -4.65 5.03 20.53
N PHE B 262 -4.05 3.85 20.37
CA PHE B 262 -4.52 2.63 21.04
C PHE B 262 -4.80 2.91 22.51
N ASN B 263 -3.78 3.41 23.20
CA ASN B 263 -3.82 3.57 24.65
C ASN B 263 -4.70 4.73 25.11
N LEU B 264 -4.69 5.84 24.36
CA LEU B 264 -5.56 6.99 24.61
C LEU B 264 -7.04 6.61 24.59
N LEU B 265 -7.47 5.99 23.50
CA LEU B 265 -8.86 5.52 23.38
C LEU B 265 -9.26 4.56 24.49
N LYS B 266 -8.38 3.63 24.83
CA LYS B 266 -8.68 2.61 25.82
C LYS B 266 -8.88 3.22 27.22
N THR B 267 -8.21 4.35 27.49
CA THR B 267 -8.41 5.07 28.75
C THR B 267 -9.63 6.00 28.71
N GLY B 268 -10.31 6.06 27.56
CA GLY B 268 -11.54 6.83 27.45
C GLY B 268 -11.41 8.23 26.91
N HIS B 269 -10.19 8.62 26.53
CA HIS B 269 -9.98 9.91 25.87
C HIS B 269 -10.57 9.88 24.46
N ARG B 270 -11.07 11.03 24.03
CA ARG B 270 -11.63 11.21 22.71
C ARG B 270 -11.25 12.60 22.25
N MET B 271 -11.49 12.89 20.97
CA MET B 271 -11.32 14.24 20.45
C MET B 271 -12.27 15.24 21.12
N GLU B 272 -11.73 16.41 21.45
CA GLU B 272 -12.50 17.47 22.10
C GLU B 272 -13.39 18.16 21.09
N ARG B 273 -14.43 18.82 21.61
CA ARG B 273 -15.28 19.65 20.79
C ARG B 273 -14.44 20.69 20.05
N PRO B 274 -14.51 20.68 18.72
CA PRO B 274 -13.73 21.65 17.96
C PRO B 274 -14.42 23.00 17.92
N ASP B 275 -13.66 24.04 17.54
CA ASP B 275 -14.22 25.36 17.32
C ASP B 275 -15.26 25.27 16.20
N ASN B 276 -16.28 26.13 16.26
CA ASN B 276 -17.32 26.20 15.23
C ASN B 276 -18.27 24.98 15.20
N CYS B 277 -18.32 24.24 16.31
CA CYS B 277 -19.16 23.06 16.42
C CYS B 277 -20.20 23.22 17.52
N SER B 278 -21.44 22.84 17.23
CA SER B 278 -22.53 22.98 18.20
C SER B 278 -22.52 21.86 19.24
N GLU B 279 -23.13 22.16 20.39
CA GLU B 279 -23.22 21.22 21.52
C GLU B 279 -23.92 19.94 21.09
N GLU B 280 -24.96 20.09 20.28
CA GLU B 280 -25.75 18.99 19.78
C GLU B 280 -24.93 18.15 18.81
N MET B 281 -24.28 18.81 17.84
CA MET B 281 -23.45 18.13 16.85
C MET B 281 -22.35 17.31 17.51
N TYR B 282 -21.65 17.91 18.47
CA TYR B 282 -20.60 17.23 19.20
C TYR B 282 -21.10 16.06 20.05
N ARG B 283 -22.33 16.15 20.52
CA ARG B 283 -22.93 15.07 21.32
C ARG B 283 -23.14 13.86 20.42
N LEU B 284 -23.52 14.13 19.17
CA LEU B 284 -23.66 13.08 18.18
C LEU B 284 -22.31 12.37 17.98
N MET B 285 -21.22 13.14 17.84
CA MET B 285 -19.89 12.56 17.67
C MET B 285 -19.52 11.64 18.81
N LEU B 286 -19.59 12.17 20.03
CA LEU B 286 -19.18 11.42 21.21
C LEU B 286 -19.94 10.11 21.34
N GLN B 287 -21.21 10.10 20.94
CA GLN B 287 -22.00 8.88 21.03
C GLN B 287 -21.55 7.84 20.00
N CYS B 288 -21.08 8.30 18.84
CA CYS B 288 -20.49 7.40 17.84
C CYS B 288 -19.21 6.73 18.35
N TRP B 289 -18.53 7.37 19.31
CA TRP B 289 -17.31 6.81 19.90
C TRP B 289 -17.46 6.20 21.29
N LYS B 290 -18.66 5.72 21.63
CA LYS B 290 -18.83 4.93 22.84
C LYS B 290 -17.99 3.66 22.75
N GLN B 291 -17.35 3.31 23.87
CA GLN B 291 -16.51 2.12 23.94
C GLN B 291 -17.33 0.88 23.60
N GLU B 292 -18.53 0.81 24.16
CA GLU B 292 -19.43 -0.32 23.89
C GLU B 292 -20.22 -0.11 22.60
N PRO B 293 -20.01 -0.99 21.61
CA PRO B 293 -20.65 -0.82 20.29
C PRO B 293 -22.17 -0.75 20.39
N ASP B 294 -22.77 -1.50 21.32
CA ASP B 294 -24.24 -1.46 21.51
C ASP B 294 -24.78 -0.14 22.04
N LYS B 295 -23.90 0.72 22.56
CA LYS B 295 -24.28 2.02 23.08
C LYS B 295 -24.24 3.13 22.05
N ARG B 296 -23.64 2.84 20.89
CA ARG B 296 -23.56 3.81 19.79
C ARG B 296 -24.91 3.87 19.08
N PRO B 297 -25.22 5.00 18.43
CA PRO B 297 -26.47 5.03 17.66
C PRO B 297 -26.38 4.13 16.44
N VAL B 298 -27.52 3.68 15.92
CA VAL B 298 -27.53 3.00 14.63
C VAL B 298 -27.72 4.06 13.55
N PHE B 299 -27.53 3.71 12.28
CA PHE B 299 -27.60 4.75 11.24
C PHE B 299 -28.99 5.42 11.13
N ALA B 300 -30.07 4.65 11.34
CA ALA B 300 -31.41 5.24 11.36
C ALA B 300 -31.56 6.32 12.43
N ASP B 301 -30.97 6.08 13.60
CA ASP B 301 -30.92 7.07 14.71
C ASP B 301 -30.11 8.29 14.31
N ILE B 302 -28.97 8.07 13.63
CA ILE B 302 -28.14 9.19 13.19
C ILE B 302 -28.89 10.00 12.12
N SER B 303 -29.58 9.31 11.21
CA SER B 303 -30.38 9.95 10.15
C SER B 303 -31.51 10.78 10.73
N LYS B 304 -32.23 10.19 11.70
CA LYS B 304 -33.32 10.88 12.41
C LYS B 304 -32.83 12.15 13.06
N ASP B 305 -31.73 12.06 13.78
CA ASP B 305 -31.12 13.18 14.52
C ASP B 305 -30.81 14.36 13.59
N LEU B 306 -30.41 14.07 12.34
CA LEU B 306 -30.09 15.14 11.36
C LEU B 306 -31.37 15.58 10.68
N GLU B 307 -32.36 14.70 10.57
CA GLU B 307 -33.66 15.08 9.98
C GLU B 307 -34.38 16.05 10.94
N LYS B 308 -34.08 15.92 12.23
CA LYS B 308 -34.70 16.76 13.30
C LYS B 308 -33.97 18.10 13.41
N MET B 309 -32.62 18.11 13.37
CA MET B 309 -31.88 19.40 13.49
C MET B 309 -31.71 20.08 12.11
N MET B 310 -32.72 19.93 11.22
CA MET B 310 -32.89 20.57 9.89
C MET B 310 -34.31 21.13 9.73
N VAL B 311 -35.31 20.53 10.37
CA VAL B 311 -36.66 21.18 10.42
C VAL B 311 -36.64 22.18 11.59
N LYS B 312 -35.86 21.90 12.62
CA LYS B 312 -35.72 22.78 13.77
C LYS B 312 -34.46 23.66 13.65
N ARG B 313 -34.12 24.00 12.42
CA ARG B 313 -32.95 24.83 12.13
C ARG B 313 -33.34 26.28 11.85
#